data_1SRS
#
_entry.id   1SRS
#
_cell.length_a   106.840
_cell.length_b   106.840
_cell.length_c   76.880
_cell.angle_alpha   90.00
_cell.angle_beta   90.00
_cell.angle_gamma   90.00
#
_symmetry.space_group_name_H-M   'P 43 21 2'
#
loop_
_entity.id
_entity.type
_entity.pdbx_description
1 polymer "DNA (5'-D(*CP*CP*(5IU)P*TP*CP*CP*TP*AP*AP*TP*TP*AP*GP*GP*CP*CP*AP*TP*G)-3')"
2 polymer "DNA (5'-D(*CP*CP*AP*TP*GP*GP*CP*CP*TP*AP*AP*TP*TP*AP*GP*GP*A P*AP*G)-3')"
3 polymer 'PROTEIN (SERUM RESPONSE FACTOR (SRF))'
#
loop_
_entity_poly.entity_id
_entity_poly.type
_entity_poly.pdbx_seq_one_letter_code
_entity_poly.pdbx_strand_id
1 'polydeoxyribonucleotide' (DC)(DC)(5IU)(DT)(DC)(DC)(DT)(DA)(DA)(DT)(DT)(DA)(DG)(DG)(DC)(DC)(DA)(DT)(DG) W
2 'polydeoxyribonucleotide' (DC)(DC)(DA)(DT)(DG)(DG)(DC)(DC)(DT)(DA)(DA)(DT)(DT)(DA)(DG)(DG)(DA)(DA)(DG) C
3 'polypeptide(L)'
;SGAKPGKKTRGRVKIKMEFIDNKLRRYTTFSKRKTGIMKKAYELSTLTGTQVLLLVASETGHVYTFATRKLQPMITSETG
KALIQTCLNSPD
;
A,B
#
# COMPACT_ATOMS: atom_id res chain seq x y z
N THR C 9 11.13 22.83 18.15
CA THR C 9 12.30 21.99 17.76
C THR C 9 12.71 22.43 16.38
N ARG C 10 13.71 21.76 15.79
CA ARG C 10 14.18 22.09 14.45
C ARG C 10 13.05 21.97 13.42
N GLY C 11 12.10 21.09 13.69
CA GLY C 11 10.99 20.88 12.79
C GLY C 11 11.22 19.60 12.02
N ARG C 12 10.43 19.34 10.98
CA ARG C 12 10.60 18.14 10.17
C ARG C 12 11.89 18.30 9.36
N VAL C 13 12.56 17.19 9.08
CA VAL C 13 13.81 17.22 8.33
C VAL C 13 13.68 16.52 6.99
N LYS C 14 14.32 17.08 5.97
CA LYS C 14 14.30 16.49 4.63
C LYS C 14 15.16 15.22 4.63
N ILE C 15 14.50 14.07 4.77
CA ILE C 15 15.22 12.80 4.80
C ILE C 15 15.59 12.35 3.39
N LYS C 16 16.87 12.14 3.17
CA LYS C 16 17.36 11.70 1.86
C LYS C 16 16.88 10.26 1.64
N MET C 17 16.23 10.03 0.51
CA MET C 17 15.71 8.71 0.18
C MET C 17 16.79 7.64 0.11
N GLU C 18 16.96 6.91 1.20
CA GLU C 18 17.94 5.83 1.28
C GLU C 18 17.73 5.01 2.54
N PHE C 19 18.39 3.86 2.60
CA PHE C 19 18.31 2.96 3.74
C PHE C 19 18.90 3.56 5.02
N ILE C 20 18.09 3.62 6.07
CA ILE C 20 18.53 4.16 7.35
C ILE C 20 19.35 3.12 8.10
N ASP C 21 20.67 3.27 8.06
CA ASP C 21 21.58 2.34 8.72
C ASP C 21 21.35 2.25 10.24
N ASN C 22 20.97 3.36 10.85
CA ASN C 22 20.72 3.39 12.29
C ASN C 22 19.44 2.63 12.63
N LYS C 23 19.58 1.34 12.90
CA LYS C 23 18.46 0.46 13.22
C LYS C 23 17.34 1.06 14.08
N LEU C 24 17.70 1.73 15.16
CA LEU C 24 16.70 2.33 16.03
C LEU C 24 15.93 3.45 15.32
N ARG C 25 16.65 4.30 14.62
CA ARG C 25 16.04 5.41 13.88
C ARG C 25 15.16 4.83 12.78
N ARG C 26 15.68 3.79 12.13
CA ARG C 26 14.99 3.10 11.06
C ARG C 26 13.61 2.63 11.53
N TYR C 27 13.59 1.78 12.56
CA TYR C 27 12.35 1.26 13.08
C TYR C 27 11.40 2.35 13.56
N THR C 28 11.94 3.46 14.05
CA THR C 28 11.11 4.57 14.51
C THR C 28 10.35 5.08 13.29
N THR C 29 11.09 5.32 12.21
CA THR C 29 10.51 5.80 10.96
C THR C 29 9.47 4.79 10.47
N PHE C 30 9.84 3.51 10.46
CA PHE C 30 8.95 2.44 10.01
C PHE C 30 7.61 2.47 10.74
N SER C 31 7.65 2.57 12.07
CA SER C 31 6.44 2.60 12.88
C SER C 31 5.48 3.72 12.45
N LYS C 32 6.02 4.91 12.25
CA LYS C 32 5.21 6.05 11.84
C LYS C 32 4.74 5.93 10.40
N ARG C 33 5.69 5.76 9.48
CA ARG C 33 5.39 5.61 8.06
C ARG C 33 4.34 4.53 7.82
N LYS C 34 4.52 3.38 8.48
CA LYS C 34 3.62 2.25 8.35
C LYS C 34 2.19 2.65 8.71
N THR C 35 2.00 3.14 9.93
CA THR C 35 0.67 3.55 10.38
C THR C 35 0.11 4.62 9.46
N GLY C 36 0.98 5.46 8.92
CA GLY C 36 0.57 6.52 8.02
C GLY C 36 0.03 5.99 6.71
N ILE C 37 0.82 5.14 6.05
CA ILE C 37 0.42 4.57 4.77
C ILE C 37 -0.86 3.74 4.94
N MET C 38 -1.02 3.16 6.12
CA MET C 38 -2.21 2.36 6.43
C MET C 38 -3.42 3.29 6.46
N LYS C 39 -3.26 4.46 7.09
CA LYS C 39 -4.33 5.43 7.19
C LYS C 39 -4.71 5.85 5.76
N LYS C 40 -3.70 6.23 4.99
CA LYS C 40 -3.91 6.65 3.60
C LYS C 40 -4.73 5.61 2.86
N ALA C 41 -4.30 4.36 2.95
CA ALA C 41 -4.97 3.25 2.30
C ALA C 41 -6.46 3.23 2.63
N TYR C 42 -6.77 3.41 3.91
CA TYR C 42 -8.17 3.44 4.35
C TYR C 42 -8.89 4.61 3.71
N GLU C 43 -8.29 5.79 3.81
CA GLU C 43 -8.86 7.01 3.27
C GLU C 43 -9.18 6.88 1.79
N LEU C 44 -8.17 6.53 1.00
CA LEU C 44 -8.36 6.37 -0.44
C LEU C 44 -9.51 5.40 -0.73
N SER C 45 -9.46 4.24 -0.07
CA SER C 45 -10.48 3.21 -0.25
C SER C 45 -11.90 3.70 0.02
N THR C 46 -12.14 4.22 1.22
CA THR C 46 -13.46 4.70 1.59
C THR C 46 -13.91 5.94 0.83
N LEU C 47 -12.95 6.83 0.55
CA LEU C 47 -13.23 8.08 -0.15
C LEU C 47 -13.67 7.85 -1.60
N THR C 48 -12.83 7.16 -2.37
CA THR C 48 -13.13 6.90 -3.77
C THR C 48 -13.94 5.62 -3.99
N GLY C 49 -14.02 4.78 -2.97
CA GLY C 49 -14.77 3.55 -3.07
C GLY C 49 -14.08 2.49 -3.93
N THR C 50 -12.77 2.59 -4.04
CA THR C 50 -12.00 1.63 -4.83
C THR C 50 -11.35 0.52 -4.02
N GLN C 51 -10.98 -0.57 -4.68
CA GLN C 51 -10.36 -1.70 -4.02
C GLN C 51 -8.88 -1.43 -3.78
N VAL C 52 -8.44 -1.64 -2.54
CA VAL C 52 -7.05 -1.40 -2.16
C VAL C 52 -6.49 -2.59 -1.38
N LEU C 53 -5.24 -2.93 -1.67
CA LEU C 53 -4.55 -4.02 -0.99
C LEU C 53 -3.18 -3.51 -0.59
N LEU C 54 -2.87 -3.61 0.69
CA LEU C 54 -1.59 -3.15 1.21
C LEU C 54 -0.98 -4.27 2.04
N LEU C 55 0.32 -4.45 1.89
CA LEU C 55 1.04 -5.47 2.62
C LEU C 55 2.42 -4.92 2.94
N VAL C 56 2.75 -4.88 4.24
CA VAL C 56 4.03 -4.37 4.69
C VAL C 56 4.63 -5.40 5.64
N ALA C 57 5.86 -5.84 5.33
CA ALA C 57 6.54 -6.83 6.16
C ALA C 57 7.74 -6.20 6.85
N SER C 58 7.73 -6.21 8.19
CA SER C 58 8.82 -5.65 8.98
C SER C 58 10.02 -6.58 9.03
N GLU C 59 11.13 -6.09 9.57
CA GLU C 59 12.35 -6.90 9.67
C GLU C 59 12.08 -8.04 10.65
N THR C 60 11.23 -7.77 11.64
CA THR C 60 10.86 -8.76 12.65
C THR C 60 10.06 -9.92 12.05
N GLY C 61 9.66 -9.78 10.79
CA GLY C 61 8.89 -10.81 10.14
C GLY C 61 7.39 -10.64 10.20
N HIS C 62 6.94 -9.57 10.86
CA HIS C 62 5.51 -9.31 11.00
C HIS C 62 4.93 -8.83 9.68
N VAL C 63 3.78 -9.37 9.31
CA VAL C 63 3.13 -9.00 8.06
C VAL C 63 1.89 -8.14 8.33
N TYR C 64 2.09 -6.83 8.43
CA TYR C 64 0.99 -5.90 8.67
C TYR C 64 0.27 -5.71 7.34
N THR C 65 -1.04 -5.94 7.33
CA THR C 65 -1.81 -5.82 6.09
C THR C 65 -3.15 -5.10 6.22
N PHE C 66 -3.70 -4.74 5.06
CA PHE C 66 -4.98 -4.07 4.95
C PHE C 66 -5.52 -4.38 3.56
N ALA C 67 -6.83 -4.56 3.46
CA ALA C 67 -7.45 -4.86 2.18
C ALA C 67 -8.94 -4.57 2.20
N THR C 68 -9.48 -4.19 1.05
CA THR C 68 -10.90 -3.91 0.92
C THR C 68 -11.62 -5.26 0.76
N ARG C 69 -12.91 -5.28 1.08
CA ARG C 69 -13.74 -6.48 1.01
C ARG C 69 -13.36 -7.51 -0.05
N LYS C 70 -13.47 -7.15 -1.32
CA LYS C 70 -13.16 -8.06 -2.41
C LYS C 70 -11.76 -8.65 -2.36
N LEU C 71 -10.80 -7.84 -1.90
CA LEU C 71 -9.42 -8.27 -1.82
C LEU C 71 -9.05 -9.03 -0.55
N GLN C 72 -9.96 -9.10 0.42
CA GLN C 72 -9.70 -9.81 1.66
C GLN C 72 -9.16 -11.23 1.45
N PRO C 73 -9.79 -12.03 0.58
CA PRO C 73 -9.34 -13.40 0.32
C PRO C 73 -7.87 -13.47 -0.05
N MET C 74 -7.36 -12.41 -0.67
CA MET C 74 -5.97 -12.34 -1.09
C MET C 74 -5.04 -12.58 0.10
N ILE C 75 -5.46 -12.11 1.28
CA ILE C 75 -4.66 -12.28 2.49
C ILE C 75 -5.28 -13.24 3.50
N THR C 76 -6.55 -13.59 3.31
CA THR C 76 -7.24 -14.49 4.21
C THR C 76 -7.80 -15.72 3.51
N SER C 77 -6.91 -16.65 3.17
CA SER C 77 -7.29 -17.89 2.49
C SER C 77 -6.04 -18.74 2.40
N GLU C 78 -6.22 -20.05 2.26
CA GLU C 78 -5.09 -20.96 2.16
C GLU C 78 -4.22 -20.58 0.96
N THR C 79 -4.86 -20.38 -0.19
CA THR C 79 -4.15 -20.01 -1.41
C THR C 79 -3.44 -18.67 -1.26
N GLY C 80 -4.16 -17.67 -0.78
CA GLY C 80 -3.60 -16.34 -0.59
C GLY C 80 -2.44 -16.33 0.38
N LYS C 81 -2.71 -16.73 1.62
CA LYS C 81 -1.68 -16.76 2.66
C LYS C 81 -0.46 -17.56 2.21
N ALA C 82 -0.70 -18.70 1.57
CA ALA C 82 0.38 -19.55 1.08
C ALA C 82 1.30 -18.75 0.16
N LEU C 83 0.72 -18.10 -0.83
CA LEU C 83 1.48 -17.30 -1.79
C LEU C 83 2.35 -16.27 -1.08
N ILE C 84 1.77 -15.58 -0.10
CA ILE C 84 2.51 -14.58 0.66
C ILE C 84 3.71 -15.24 1.32
N GLN C 85 3.46 -16.36 2.00
CA GLN C 85 4.50 -17.10 2.67
C GLN C 85 5.62 -17.53 1.73
N THR C 86 5.23 -18.13 0.60
CA THR C 86 6.19 -18.59 -0.38
C THR C 86 7.15 -17.45 -0.75
N CYS C 87 6.58 -16.33 -1.19
CA CYS C 87 7.36 -15.17 -1.59
C CYS C 87 8.40 -14.76 -0.54
N LEU C 88 7.91 -14.46 0.67
CA LEU C 88 8.77 -14.03 1.76
C LEU C 88 9.85 -15.04 2.15
N ASN C 89 9.52 -16.32 2.05
CA ASN C 89 10.46 -17.37 2.42
C ASN C 89 11.21 -18.05 1.27
N SER C 90 10.95 -17.62 0.04
CA SER C 90 11.63 -18.21 -1.11
C SER C 90 12.96 -17.51 -1.36
N PRO C 91 13.92 -18.20 -1.99
CA PRO C 91 15.23 -17.61 -2.28
C PRO C 91 15.07 -16.36 -3.14
N ASP C 92 16.09 -15.51 -3.13
CA ASP C 92 16.07 -14.27 -3.90
C ASP C 92 17.27 -14.18 -4.84
N THR D 9 -5.79 30.81 -3.18
CA THR D 9 -7.17 30.32 -3.36
C THR D 9 -7.67 29.82 -2.00
N ARG D 10 -8.73 29.02 -1.99
CA ARG D 10 -9.28 28.49 -0.75
C ARG D 10 -8.34 27.53 -0.02
N GLY D 11 -7.28 27.13 -0.70
CA GLY D 11 -6.33 26.21 -0.10
C GLY D 11 -6.92 24.81 0.00
N ARG D 12 -6.24 23.92 0.73
CA ARG D 12 -6.71 22.55 0.89
C ARG D 12 -7.93 22.54 1.80
N VAL D 13 -9.00 21.90 1.33
CA VAL D 13 -10.24 21.81 2.10
C VAL D 13 -10.32 20.46 2.82
N LYS D 14 -10.72 20.49 4.08
CA LYS D 14 -10.86 19.26 4.87
C LYS D 14 -12.05 18.45 4.35
N ILE D 15 -11.78 17.46 3.50
CA ILE D 15 -12.83 16.61 2.96
C ILE D 15 -13.29 15.63 4.03
N LYS D 16 -14.61 15.52 4.19
CA LYS D 16 -15.19 14.60 5.17
C LYS D 16 -14.98 13.17 4.68
N MET D 17 -14.48 12.31 5.57
CA MET D 17 -14.24 10.91 5.22
C MET D 17 -15.55 10.22 4.86
N GLU D 18 -15.82 10.16 3.57
CA GLU D 18 -17.04 9.52 3.06
C GLU D 18 -16.89 9.35 1.56
N PHE D 19 -17.69 8.46 0.99
CA PHE D 19 -17.65 8.20 -0.44
C PHE D 19 -18.08 9.46 -1.20
N ILE D 20 -17.21 9.94 -2.07
CA ILE D 20 -17.50 11.13 -2.87
C ILE D 20 -18.51 10.82 -3.97
N ASP D 21 -19.74 11.32 -3.79
CA ASP D 21 -20.81 11.10 -4.76
C ASP D 21 -20.55 11.74 -6.12
N ASN D 22 -19.99 12.95 -6.11
CA ASN D 22 -19.69 13.65 -7.35
C ASN D 22 -18.60 12.92 -8.11
N LYS D 23 -18.99 12.20 -9.16
CA LYS D 23 -18.07 11.43 -9.99
C LYS D 23 -16.81 12.22 -10.39
N LEU D 24 -16.99 13.50 -10.69
CA LEU D 24 -15.88 14.36 -11.07
C LEU D 24 -14.85 14.43 -9.95
N ARG D 25 -15.29 14.90 -8.78
CA ARG D 25 -14.41 15.02 -7.63
C ARG D 25 -13.82 13.69 -7.19
N ARG D 26 -14.66 12.65 -7.16
CA ARG D 26 -14.23 11.31 -6.76
C ARG D 26 -13.02 10.90 -7.58
N TYR D 27 -13.18 10.90 -8.90
CA TYR D 27 -12.11 10.54 -9.81
C TYR D 27 -10.87 11.40 -9.61
N THR D 28 -11.06 12.72 -9.54
CA THR D 28 -9.96 13.65 -9.35
C THR D 28 -9.19 13.28 -8.06
N THR D 29 -9.93 12.99 -7.00
CA THR D 29 -9.32 12.62 -5.73
C THR D 29 -8.53 11.32 -5.89
N PHE D 30 -9.10 10.36 -6.61
CA PHE D 30 -8.44 9.08 -6.82
C PHE D 30 -7.05 9.25 -7.41
N SER D 31 -6.96 9.92 -8.55
CA SER D 31 -5.67 10.12 -9.21
C SER D 31 -4.62 10.70 -8.28
N LYS D 32 -4.98 11.77 -7.58
CA LYS D 32 -4.06 12.40 -6.65
C LYS D 32 -3.63 11.46 -5.52
N ARG D 33 -4.60 11.00 -4.72
CA ARG D 33 -4.30 10.11 -3.61
C ARG D 33 -3.63 8.82 -4.04
N LYS D 34 -3.96 8.36 -5.24
CA LYS D 34 -3.36 7.14 -5.78
C LYS D 34 -1.87 7.38 -5.91
N THR D 35 -1.51 8.49 -6.55
CA THR D 35 -0.11 8.85 -6.75
C THR D 35 0.58 9.05 -5.40
N GLY D 36 -0.13 9.67 -4.46
CA GLY D 36 0.43 9.92 -3.14
C GLY D 36 0.82 8.65 -2.41
N ILE D 37 -0.16 7.77 -2.19
CA ILE D 37 0.07 6.52 -1.49
C ILE D 37 1.15 5.68 -2.19
N MET D 38 1.19 5.76 -3.51
CA MET D 38 2.19 5.03 -4.29
C MET D 38 3.60 5.48 -3.92
N LYS D 39 3.78 6.80 -3.79
CA LYS D 39 5.08 7.33 -3.43
C LYS D 39 5.38 6.95 -1.98
N LYS D 40 4.35 6.97 -1.14
CA LYS D 40 4.50 6.60 0.26
C LYS D 40 5.05 5.17 0.35
N ALA D 41 4.49 4.29 -0.47
CA ALA D 41 4.92 2.90 -0.51
C ALA D 41 6.40 2.84 -0.90
N TYR D 42 6.76 3.61 -1.91
CA TYR D 42 8.14 3.66 -2.38
C TYR D 42 9.07 4.12 -1.27
N GLU D 43 8.69 5.20 -0.61
CA GLU D 43 9.47 5.77 0.48
C GLU D 43 9.65 4.81 1.63
N LEU D 44 8.55 4.29 2.16
CA LEU D 44 8.60 3.33 3.26
C LEU D 44 9.52 2.17 2.89
N SER D 45 9.34 1.67 1.67
CA SER D 45 10.13 0.57 1.14
C SER D 45 11.63 0.86 1.24
N THR D 46 12.08 1.86 0.49
CA THR D 46 13.49 2.24 0.44
C THR D 46 14.11 2.67 1.77
N LEU D 47 13.39 3.48 2.54
CA LEU D 47 13.90 3.96 3.83
C LEU D 47 14.19 2.85 4.84
N THR D 48 13.18 2.07 5.16
CA THR D 48 13.32 1.00 6.15
C THR D 48 13.75 -0.35 5.57
N GLY D 49 13.80 -0.44 4.24
CA GLY D 49 14.21 -1.67 3.60
C GLY D 49 13.28 -2.83 3.88
N THR D 50 11.98 -2.54 3.97
CA THR D 50 10.99 -3.57 4.23
C THR D 50 10.19 -3.92 2.99
N GLN D 51 9.70 -5.15 2.92
CA GLN D 51 8.92 -5.63 1.78
C GLN D 51 7.52 -5.01 1.80
N VAL D 52 7.18 -4.29 0.73
CA VAL D 52 5.88 -3.64 0.61
C VAL D 52 5.17 -4.03 -0.69
N LEU D 53 3.85 -4.10 -0.62
CA LEU D 53 3.02 -4.44 -1.77
C LEU D 53 1.81 -3.53 -1.73
N LEU D 54 1.48 -2.94 -2.88
CA LEU D 54 0.34 -2.04 -2.98
C LEU D 54 -0.40 -2.31 -4.28
N LEU D 55 -1.71 -2.42 -4.18
CA LEU D 55 -2.55 -2.67 -5.34
C LEU D 55 -3.79 -1.80 -5.22
N VAL D 56 -4.04 -1.01 -6.26
CA VAL D 56 -5.20 -0.11 -6.27
C VAL D 56 -5.91 -0.27 -7.60
N ALA D 57 -7.22 -0.49 -7.55
CA ALA D 57 -8.02 -0.66 -8.77
C ALA D 57 -9.10 0.41 -8.88
N SER D 58 -9.05 1.19 -9.96
CA SER D 58 -10.02 2.25 -10.20
C SER D 58 -11.30 1.71 -10.85
N GLU D 59 -12.37 2.50 -10.81
CA GLU D 59 -13.64 2.11 -11.42
C GLU D 59 -13.40 1.84 -12.90
N THR D 60 -12.45 2.57 -13.46
CA THR D 60 -12.07 2.47 -14.86
C THR D 60 -11.33 1.17 -15.17
N GLY D 61 -11.42 0.20 -14.26
CA GLY D 61 -10.76 -1.09 -14.47
C GLY D 61 -9.25 -1.05 -14.55
N HIS D 62 -8.64 0.01 -14.02
CA HIS D 62 -7.19 0.13 -14.06
C HIS D 62 -6.62 -0.37 -12.75
N VAL D 63 -5.60 -1.21 -12.83
CA VAL D 63 -4.97 -1.76 -11.63
C VAL D 63 -3.55 -1.20 -11.51
N TYR D 64 -3.40 -0.19 -10.65
CA TYR D 64 -2.10 0.44 -10.41
C TYR D 64 -1.47 -0.32 -9.25
N THR D 65 -0.24 -0.79 -9.42
CA THR D 65 0.42 -1.55 -8.37
C THR D 65 1.88 -1.18 -8.14
N PHE D 66 2.38 -1.56 -6.98
CA PHE D 66 3.76 -1.35 -6.58
C PHE D 66 4.13 -2.57 -5.75
N ALA D 67 5.30 -3.15 -6.02
CA ALA D 67 5.72 -4.34 -5.29
C ALA D 67 7.23 -4.40 -5.15
N THR D 68 7.67 -4.89 -4.00
CA THR D 68 9.10 -5.03 -3.73
C THR D 68 9.55 -6.35 -4.32
N ARG D 69 10.87 -6.48 -4.54
CA ARG D 69 11.46 -7.69 -5.13
C ARG D 69 10.77 -9.00 -4.75
N LYS D 70 10.89 -9.42 -3.50
CA LYS D 70 10.28 -10.67 -3.05
C LYS D 70 8.76 -10.73 -3.16
N LEU D 71 8.11 -9.59 -3.22
CA LEU D 71 6.66 -9.54 -3.31
C LEU D 71 6.11 -9.41 -4.73
N GLN D 72 6.99 -9.12 -5.70
CA GLN D 72 6.56 -8.97 -7.08
C GLN D 72 5.74 -10.14 -7.61
N PRO D 73 6.15 -11.40 -7.34
CA PRO D 73 5.39 -12.55 -7.82
C PRO D 73 3.89 -12.46 -7.52
N MET D 74 3.53 -11.84 -6.41
CA MET D 74 2.12 -11.69 -6.02
C MET D 74 1.28 -11.13 -7.17
N ILE D 75 1.89 -10.24 -7.95
CA ILE D 75 1.21 -9.61 -9.08
C ILE D 75 1.74 -10.06 -10.45
N THR D 76 2.99 -10.53 -10.48
CA THR D 76 3.61 -10.97 -11.71
C THR D 76 3.38 -12.44 -12.08
N SER D 77 3.44 -13.32 -11.08
CA SER D 77 3.24 -14.75 -11.33
C SER D 77 1.83 -14.99 -11.81
N GLU D 78 1.67 -15.95 -12.70
CA GLU D 78 0.37 -16.28 -13.25
C GLU D 78 -0.59 -16.63 -12.10
N THR D 79 -0.09 -17.40 -11.14
CA THR D 79 -0.88 -17.81 -9.98
C THR D 79 -1.43 -16.60 -9.22
N GLY D 80 -0.55 -15.64 -8.93
CA GLY D 80 -0.96 -14.45 -8.21
C GLY D 80 -1.95 -13.65 -9.02
N LYS D 81 -1.59 -13.38 -10.27
CA LYS D 81 -2.43 -12.62 -11.19
C LYS D 81 -3.83 -13.23 -11.25
N ALA D 82 -3.90 -14.55 -11.17
CA ALA D 82 -5.17 -15.27 -11.21
C ALA D 82 -6.01 -14.88 -10.01
N LEU D 83 -5.44 -15.03 -8.81
CA LEU D 83 -6.13 -14.69 -7.58
C LEU D 83 -6.65 -13.25 -7.62
N ILE D 84 -5.76 -12.33 -7.97
CA ILE D 84 -6.10 -10.92 -8.07
C ILE D 84 -7.33 -10.74 -8.96
N GLN D 85 -7.26 -11.29 -10.16
CA GLN D 85 -8.34 -11.21 -11.14
C GLN D 85 -9.64 -11.80 -10.60
N THR D 86 -9.51 -12.89 -9.84
CA THR D 86 -10.68 -13.56 -9.26
C THR D 86 -11.35 -12.64 -8.26
N CYS D 87 -10.56 -12.05 -7.37
CA CYS D 87 -11.08 -11.14 -6.35
C CYS D 87 -11.80 -9.96 -7.00
N LEU D 88 -11.23 -9.43 -8.07
CA LEU D 88 -11.82 -8.30 -8.78
C LEU D 88 -13.02 -8.76 -9.60
#